data_7KGA
#
_entry.id   7KGA
#
_cell.length_a   65.93
_cell.length_b   49.67
_cell.length_c   73.46
_cell.angle_alpha   90
_cell.angle_beta   99.741
_cell.angle_gamma   90
#
_symmetry.space_group_name_H-M   'P 1 21 1'
#
loop_
_entity.id
_entity.type
_entity.pdbx_description
1 polymer 'RNA (90-MER)'
2 non-polymer 'IRIDIUM HEXAMMINE ION'
3 water water
#
_entity_poly.entity_id   1
_entity_poly.type   'polyribonucleotide'
_entity_poly.pdbx_seq_one_letter_code
;GGGGGCCAGAUGUCAUGUCUCUCAAGCCUAGGAGACACUAGACACUCUGGACUAUCGGUUAGAGGAAACCCCCCCAAAAA
UGUAUAGGCU
;
_entity_poly.pdbx_strand_id   A,B
#